data_8C4M
#
_entry.id   8C4M
#
_cell.length_a   42.140
_cell.length_b   64.520
_cell.length_c   129.550
_cell.angle_alpha   90.000
_cell.angle_beta   90.000
_cell.angle_gamma   90.000
#
_symmetry.space_group_name_H-M   'P 21 21 21'
#
loop_
_entity.id
_entity.type
_entity.pdbx_description
1 polymer 'Diadenylate cyclase'
2 non-polymer ADENOSINE
3 non-polymer 'CHLORIDE ION'
4 water water
#
_entity_poly.entity_id   1
_entity_poly.type   'polypeptide(L)'
_entity_poly.pdbx_seq_one_letter_code
;GPLGSYGSRIEREQHHLIESIEKSTQYMAKRRIGALISVARDTGMDDYIETGIPLNAKISSQLLINIFIPNTPLHDGAVI
IKGNEIASAASYLPLSDSPFLSKELGTRHRAALGISEVTDSITIVVSEETGGISLTKGGELFRDVSEEELHKILLKELVT
VTAKKPSIFSKWKGGKSE
;
_entity_poly.pdbx_strand_id   A,B
#
# COMPACT_ATOMS: atom_id res chain seq x y z
N SER A 8 18.60 5.34 -9.19
CA SER A 8 18.32 6.28 -8.11
C SER A 8 19.55 6.49 -7.24
N ARG A 9 19.46 7.45 -6.32
CA ARG A 9 20.58 7.85 -5.47
C ARG A 9 20.27 7.49 -4.02
N ILE A 10 21.17 6.73 -3.39
CA ILE A 10 20.88 6.18 -2.05
C ILE A 10 20.62 7.29 -1.06
N GLU A 11 21.48 8.32 -1.07
CA GLU A 11 21.32 9.40 -0.10
C GLU A 11 19.91 9.95 -0.15
N ARG A 12 19.39 10.16 -1.37
CA ARG A 12 18.01 10.57 -1.52
C ARG A 12 17.05 9.51 -1.00
N GLU A 13 17.32 8.24 -1.32
CA GLU A 13 16.49 7.14 -0.83
C GLU A 13 16.46 7.09 0.69
N GLN A 14 17.63 7.22 1.33
CA GLN A 14 17.69 7.07 2.78
C GLN A 14 16.98 8.21 3.49
N HIS A 15 17.13 9.43 2.99
CA HIS A 15 16.43 10.54 3.65
C HIS A 15 14.92 10.45 3.40
N HIS A 16 14.52 9.98 2.21
CA HIS A 16 13.09 9.80 1.94
C HIS A 16 12.50 8.73 2.86
N LEU A 17 13.26 7.66 3.10
CA LEU A 17 12.81 6.64 4.05
C LEU A 17 12.59 7.25 5.43
N ILE A 18 13.56 8.02 5.91
CA ILE A 18 13.43 8.66 7.21
C ILE A 18 12.20 9.55 7.26
N GLU A 19 12.02 10.39 6.24
N GLU A 19 12.02 10.40 6.24
CA GLU A 19 10.87 11.28 6.22
CA GLU A 19 10.87 11.28 6.20
C GLU A 19 9.56 10.51 6.13
C GLU A 19 9.58 10.47 6.19
N SER A 20 9.57 9.35 5.45
CA SER A 20 8.36 8.55 5.35
C SER A 20 7.99 7.91 6.69
N ILE A 21 9.00 7.46 7.45
CA ILE A 21 8.74 6.94 8.78
C ILE A 21 8.26 8.05 9.70
N GLU A 22 8.88 9.23 9.61
CA GLU A 22 8.50 10.31 10.52
C GLU A 22 7.07 10.76 10.26
N LYS A 23 6.72 10.98 8.99
CA LYS A 23 5.38 11.47 8.68
C LYS A 23 4.32 10.43 9.01
N SER A 24 4.57 9.16 8.69
CA SER A 24 3.56 8.13 8.93
C SER A 24 3.37 7.88 10.43
N THR A 25 4.47 7.80 11.19
CA THR A 25 4.32 7.56 12.63
C THR A 25 3.70 8.76 13.33
N GLN A 26 4.01 9.98 12.87
CA GLN A 26 3.32 11.16 13.39
C GLN A 26 1.83 11.06 13.15
N TYR A 27 1.44 10.71 11.92
CA TYR A 27 0.03 10.59 11.58
C TYR A 27 -0.65 9.54 12.44
N MET A 28 -0.02 8.38 12.60
CA MET A 28 -0.65 7.29 13.35
C MET A 28 -0.62 7.57 14.85
N ALA A 29 0.45 8.19 15.35
CA ALA A 29 0.53 8.51 16.77
C ALA A 29 -0.62 9.41 17.21
N LYS A 30 -0.92 10.45 16.41
CA LYS A 30 -1.99 11.39 16.76
C LYS A 30 -3.34 10.70 16.88
N ARG A 31 -3.54 9.62 16.11
CA ARG A 31 -4.82 8.93 16.05
C ARG A 31 -4.80 7.61 16.82
N ARG A 32 -3.73 7.31 17.55
CA ARG A 32 -3.61 6.09 18.35
C ARG A 32 -3.74 4.84 17.48
N ILE A 33 -3.13 4.87 16.30
CA ILE A 33 -3.09 3.71 15.42
C ILE A 33 -1.80 2.95 15.71
N GLY A 34 -1.94 1.68 16.10
CA GLY A 34 -0.77 0.85 16.34
C GLY A 34 -0.02 0.56 15.05
N ALA A 35 1.31 0.52 15.15
CA ALA A 35 2.13 0.24 13.97
C ALA A 35 3.44 -0.39 14.42
N LEU A 36 4.04 -1.13 13.49
CA LEU A 36 5.26 -1.89 13.74
C LEU A 36 6.01 -1.95 12.42
N ILE A 37 7.14 -1.25 12.34
CA ILE A 37 7.89 -1.06 11.10
C ILE A 37 9.33 -1.43 11.36
N SER A 38 9.82 -2.48 10.70
CA SER A 38 11.20 -2.94 10.90
C SER A 38 12.00 -2.68 9.63
N VAL A 39 13.14 -1.99 9.79
CA VAL A 39 14.02 -1.63 8.69
C VAL A 39 15.25 -2.52 8.73
N ALA A 40 15.42 -3.35 7.70
CA ALA A 40 16.57 -4.25 7.62
C ALA A 40 17.85 -3.47 7.33
N ARG A 41 18.97 -3.97 7.86
CA ARG A 41 20.26 -3.32 7.66
C ARG A 41 21.23 -4.37 7.13
N ASP A 42 22.35 -4.62 7.81
CA ASP A 42 23.33 -5.59 7.34
C ASP A 42 22.86 -7.03 7.55
N THR A 43 22.13 -7.30 8.63
CA THR A 43 21.55 -8.61 8.85
C THR A 43 20.26 -8.71 8.04
N GLY A 44 20.17 -9.72 7.18
CA GLY A 44 18.98 -9.86 6.36
C GLY A 44 17.79 -10.32 7.19
N MET A 45 16.60 -9.97 6.69
CA MET A 45 15.34 -10.42 7.30
C MET A 45 14.46 -11.12 6.29
N ASP A 46 15.06 -11.74 5.28
CA ASP A 46 14.31 -12.39 4.22
C ASP A 46 13.34 -13.42 4.77
N ASP A 47 13.70 -14.13 5.84
CA ASP A 47 12.79 -15.17 6.34
C ASP A 47 11.52 -14.57 6.92
N TYR A 48 11.63 -13.42 7.58
CA TYR A 48 10.44 -12.78 8.12
C TYR A 48 9.63 -12.10 7.03
N ILE A 49 10.29 -11.63 5.97
CA ILE A 49 9.56 -11.07 4.83
C ILE A 49 8.66 -12.14 4.24
N GLU A 50 9.16 -13.38 4.18
CA GLU A 50 8.39 -14.46 3.58
C GLU A 50 7.13 -14.80 4.37
N THR A 51 7.08 -14.45 5.65
CA THR A 51 5.92 -14.78 6.48
C THR A 51 4.76 -13.82 6.26
N GLY A 52 4.99 -12.67 5.63
CA GLY A 52 3.96 -11.68 5.43
C GLY A 52 3.36 -11.71 4.04
N ILE A 53 2.65 -10.63 3.73
CA ILE A 53 2.03 -10.44 2.43
C ILE A 53 2.99 -9.61 1.58
N PRO A 54 3.43 -10.09 0.42
CA PRO A 54 4.43 -9.35 -0.34
C PRO A 54 3.84 -8.10 -0.97
N LEU A 55 4.55 -6.98 -0.81
CA LEU A 55 4.18 -5.72 -1.44
C LEU A 55 5.21 -5.25 -2.45
N ASN A 56 6.50 -5.33 -2.12
CA ASN A 56 7.59 -4.88 -2.99
C ASN A 56 7.31 -3.49 -3.54
N ALA A 57 6.88 -2.59 -2.64
CA ALA A 57 6.32 -1.32 -3.04
C ALA A 57 7.26 -0.16 -2.79
N LYS A 58 7.05 0.92 -3.55
N LYS A 58 7.04 0.91 -3.56
CA LYS A 58 7.77 2.15 -3.29
CA LYS A 58 7.72 2.17 -3.29
C LYS A 58 7.44 2.67 -1.90
C LYS A 58 7.44 2.62 -1.86
N ILE A 59 8.44 3.20 -1.22
CA ILE A 59 8.27 3.71 0.14
C ILE A 59 7.56 5.07 0.09
N SER A 60 6.48 5.19 0.86
CA SER A 60 5.83 6.49 1.03
C SER A 60 5.17 6.52 2.40
N SER A 61 4.99 7.74 2.92
CA SER A 61 4.25 7.88 4.17
C SER A 61 2.81 7.43 3.99
N GLN A 62 2.21 7.73 2.84
CA GLN A 62 0.81 7.40 2.60
C GLN A 62 0.58 5.89 2.62
N LEU A 63 1.44 5.13 1.96
CA LEU A 63 1.26 3.68 1.97
C LEU A 63 1.49 3.09 3.36
N LEU A 64 2.48 3.59 4.10
CA LEU A 64 2.67 3.11 5.46
C LEU A 64 1.43 3.34 6.31
N ILE A 65 0.79 4.51 6.16
CA ILE A 65 -0.42 4.80 6.92
C ILE A 65 -1.54 3.85 6.54
N ASN A 66 -1.82 3.72 5.23
CA ASN A 66 -2.92 2.85 4.79
C ASN A 66 -2.73 1.41 5.25
N ILE A 67 -1.48 0.95 5.38
CA ILE A 67 -1.24 -0.43 5.75
C ILE A 67 -1.77 -0.71 7.17
N PHE A 68 -1.59 0.23 8.09
CA PHE A 68 -1.87 -0.03 9.50
C PHE A 68 -3.27 0.36 9.93
N ILE A 69 -4.15 0.72 9.00
CA ILE A 69 -5.52 1.07 9.41
C ILE A 69 -6.15 -0.13 10.10
N PRO A 70 -6.79 0.04 11.27
CA PRO A 70 -7.25 -1.12 12.03
C PRO A 70 -8.28 -1.94 11.28
N ASN A 71 -8.26 -3.24 11.54
CA ASN A 71 -9.24 -4.20 11.01
C ASN A 71 -9.20 -4.26 9.48
N THR A 72 -8.01 -4.13 8.91
CA THR A 72 -7.78 -4.26 7.48
C THR A 72 -6.89 -5.47 7.21
N PRO A 73 -6.85 -5.96 5.97
CA PRO A 73 -6.06 -7.18 5.71
C PRO A 73 -4.57 -7.04 5.99
N LEU A 74 -3.98 -5.85 5.85
CA LEU A 74 -2.53 -5.71 5.93
C LEU A 74 -2.02 -5.28 7.30
N HIS A 75 -2.90 -5.01 8.25
CA HIS A 75 -2.48 -4.32 9.47
C HIS A 75 -1.97 -5.25 10.56
N ASP A 76 -2.24 -6.56 10.50
N ASP A 76 -2.23 -6.56 10.47
CA ASP A 76 -2.02 -7.45 11.63
CA ASP A 76 -2.01 -7.50 11.57
C ASP A 76 -0.62 -8.07 11.53
C ASP A 76 -0.59 -8.08 11.50
N GLY A 77 0.38 -7.28 11.89
CA GLY A 77 1.75 -7.73 11.91
C GLY A 77 2.70 -6.59 11.61
N ALA A 78 3.92 -6.96 11.22
CA ALA A 78 4.98 -6.01 10.97
C ALA A 78 5.08 -5.67 9.49
N VAL A 79 5.40 -4.41 9.20
CA VAL A 79 5.93 -4.01 7.90
C VAL A 79 7.44 -4.19 7.92
N ILE A 80 8.00 -4.76 6.87
CA ILE A 80 9.45 -4.90 6.76
C ILE A 80 9.92 -4.10 5.55
N ILE A 81 10.86 -3.19 5.77
CA ILE A 81 11.44 -2.39 4.70
C ILE A 81 12.83 -2.96 4.40
N LYS A 82 13.07 -3.26 3.14
CA LYS A 82 14.33 -3.86 2.69
C LYS A 82 14.84 -3.07 1.50
N GLY A 83 16.01 -2.47 1.66
CA GLY A 83 16.56 -1.60 0.65
C GLY A 83 15.66 -0.40 0.46
N ASN A 84 15.15 -0.25 -0.74
CA ASN A 84 14.30 0.89 -1.09
C ASN A 84 12.86 0.47 -1.33
N GLU A 85 12.40 -0.61 -0.70
CA GLU A 85 11.04 -1.07 -0.87
C GLU A 85 10.40 -1.37 0.47
N ILE A 86 9.09 -1.15 0.55
CA ILE A 86 8.26 -1.81 1.55
C ILE A 86 8.09 -3.25 1.08
N ALA A 87 8.82 -4.18 1.70
CA ALA A 87 8.89 -5.54 1.16
C ALA A 87 7.62 -6.33 1.47
N SER A 88 7.13 -6.24 2.70
CA SER A 88 6.00 -7.03 3.15
C SER A 88 5.25 -6.28 4.23
N ALA A 89 4.00 -6.67 4.43
CA ALA A 89 3.19 -6.27 5.58
C ALA A 89 2.66 -7.53 6.25
N ALA A 90 2.15 -7.36 7.47
CA ALA A 90 1.56 -8.46 8.24
C ALA A 90 2.55 -9.61 8.43
N SER A 91 3.82 -9.26 8.62
CA SER A 91 4.90 -10.23 8.84
C SER A 91 5.04 -10.59 10.31
N TYR A 92 5.44 -11.84 10.54
CA TYR A 92 5.84 -12.30 11.86
C TYR A 92 7.22 -11.78 12.21
N LEU A 93 7.38 -11.34 13.47
CA LEU A 93 8.67 -11.11 14.11
C LEU A 93 8.74 -11.97 15.38
N PRO A 94 9.93 -12.44 15.74
CA PRO A 94 10.04 -13.24 16.97
C PRO A 94 9.81 -12.36 18.19
N LEU A 95 9.06 -12.88 19.15
CA LEU A 95 8.81 -12.15 20.39
C LEU A 95 9.98 -12.31 21.35
N SER A 96 10.35 -11.21 22.00
CA SER A 96 11.30 -11.30 23.10
C SER A 96 10.65 -12.00 24.29
N ASP A 97 11.42 -12.86 24.97
CA ASP A 97 11.00 -13.42 26.23
C ASP A 97 11.50 -12.62 27.43
N SER A 98 12.10 -11.46 27.19
CA SER A 98 12.75 -10.72 28.27
C SER A 98 11.74 -10.38 29.37
N PRO A 99 12.03 -10.68 30.64
CA PRO A 99 11.18 -10.21 31.72
C PRO A 99 11.39 -8.74 32.07
N PHE A 100 12.38 -8.10 31.45
CA PHE A 100 12.67 -6.69 31.69
C PHE A 100 11.74 -5.75 30.94
N LEU A 101 11.09 -6.24 29.89
CA LEU A 101 10.16 -5.40 29.14
C LEU A 101 8.91 -5.16 29.98
N SER A 102 8.54 -3.88 30.11
CA SER A 102 7.42 -3.52 30.97
C SER A 102 6.14 -4.26 30.58
N LYS A 103 5.38 -4.67 31.60
CA LYS A 103 4.16 -5.42 31.37
C LYS A 103 3.06 -4.58 30.73
N GLU A 104 3.12 -3.25 30.84
CA GLU A 104 2.10 -2.41 30.25
C GLU A 104 2.31 -2.16 28.76
N LEU A 105 3.38 -2.68 28.18
CA LEU A 105 3.59 -2.60 26.75
C LEU A 105 2.99 -3.84 26.08
N GLY A 106 2.56 -3.66 24.83
CA GLY A 106 1.83 -4.69 24.10
C GLY A 106 2.74 -5.60 23.29
N THR A 107 2.10 -6.45 22.49
CA THR A 107 2.85 -7.45 21.73
C THR A 107 3.71 -6.80 20.65
N ARG A 108 3.28 -5.65 20.10
CA ARG A 108 4.09 -4.94 19.11
C ARG A 108 5.47 -4.61 19.68
N HIS A 109 5.50 -4.13 20.93
CA HIS A 109 6.78 -3.83 21.55
C HIS A 109 7.59 -5.09 21.77
N ARG A 110 6.93 -6.18 22.19
CA ARG A 110 7.65 -7.42 22.42
C ARG A 110 8.20 -7.97 21.11
N ALA A 111 7.44 -7.85 20.01
CA ALA A 111 7.94 -8.25 18.71
C ALA A 111 9.10 -7.37 18.25
N ALA A 112 8.99 -6.06 18.43
CA ALA A 112 10.10 -5.20 18.05
C ALA A 112 11.35 -5.49 18.89
N LEU A 113 11.18 -5.75 20.18
CA LEU A 113 12.34 -6.11 20.99
C LEU A 113 12.94 -7.43 20.51
N GLY A 114 12.09 -8.39 20.16
CA GLY A 114 12.58 -9.71 19.75
C GLY A 114 13.41 -9.68 18.49
N ILE A 115 12.93 -8.98 17.46
CA ILE A 115 13.70 -8.90 16.22
C ILE A 115 15.01 -8.16 16.47
N SER A 116 15.01 -7.17 17.36
CA SER A 116 16.23 -6.42 17.65
C SER A 116 17.27 -7.26 18.36
N GLU A 117 16.86 -8.35 19.00
CA GLU A 117 17.80 -9.22 19.71
C GLU A 117 18.53 -10.19 18.79
N VAL A 118 18.07 -10.36 17.55
CA VAL A 118 18.65 -11.33 16.65
C VAL A 118 19.06 -10.74 15.30
N THR A 119 18.83 -9.44 15.09
CA THR A 119 19.23 -8.75 13.89
C THR A 119 19.77 -7.38 14.27
N ASP A 120 20.42 -6.71 13.32
CA ASP A 120 20.78 -5.32 13.49
C ASP A 120 19.73 -4.37 12.91
N SER A 121 18.48 -4.82 12.81
N SER A 121 18.47 -4.82 12.81
CA SER A 121 17.42 -4.00 12.26
CA SER A 121 17.41 -4.01 12.25
C SER A 121 17.08 -2.86 13.21
C SER A 121 17.00 -2.89 13.22
N ILE A 122 16.47 -1.81 12.66
CA ILE A 122 15.90 -0.71 13.43
C ILE A 122 14.39 -0.87 13.32
N THR A 123 13.70 -0.97 14.44
CA THR A 123 12.26 -1.17 14.41
C THR A 123 11.55 -0.05 15.16
N ILE A 124 10.50 0.47 14.55
CA ILE A 124 9.71 1.58 15.10
C ILE A 124 8.32 1.08 15.43
N VAL A 125 7.83 1.46 16.61
CA VAL A 125 6.53 1.05 17.12
C VAL A 125 5.71 2.30 17.43
N VAL A 126 4.44 2.29 17.03
CA VAL A 126 3.47 3.27 17.51
C VAL A 126 2.51 2.54 18.43
N SER A 127 2.37 3.04 19.65
CA SER A 127 1.57 2.35 20.65
C SER A 127 0.09 2.54 20.38
N GLU A 128 -0.63 1.41 20.39
CA GLU A 128 -2.08 1.41 20.26
C GLU A 128 -2.75 2.13 21.42
N GLU A 129 -2.15 2.09 22.61
CA GLU A 129 -2.80 2.60 23.81
C GLU A 129 -2.48 4.06 24.11
N THR A 130 -1.24 4.49 23.85
CA THR A 130 -0.78 5.82 24.22
C THR A 130 -0.44 6.72 23.03
N GLY A 131 -0.29 6.17 21.84
CA GLY A 131 0.27 6.92 20.73
C GLY A 131 1.75 7.18 20.82
N GLY A 132 2.41 6.76 21.91
CA GLY A 132 3.84 6.94 22.01
C GLY A 132 4.58 6.17 20.95
N ILE A 133 5.68 6.75 20.49
CA ILE A 133 6.54 6.13 19.49
C ILE A 133 7.77 5.56 20.20
N SER A 134 8.08 4.30 19.92
CA SER A 134 9.24 3.64 20.50
C SER A 134 10.09 3.03 19.40
N LEU A 135 11.33 2.75 19.74
CA LEU A 135 12.30 2.19 18.80
C LEU A 135 13.10 1.09 19.49
N THR A 136 13.41 0.03 18.76
CA THR A 136 14.28 -1.02 19.27
C THR A 136 15.51 -1.17 18.39
N LYS A 137 16.64 -1.47 19.04
CA LYS A 137 17.91 -1.69 18.37
C LYS A 137 18.80 -2.49 19.30
N GLY A 138 19.32 -3.61 18.82
CA GLY A 138 20.27 -4.40 19.60
C GLY A 138 19.81 -4.81 20.98
N GLY A 139 18.55 -5.21 21.11
CA GLY A 139 18.06 -5.69 22.40
C GLY A 139 17.68 -4.60 23.38
N GLU A 140 17.64 -3.34 22.94
CA GLU A 140 17.29 -2.23 23.81
C GLU A 140 16.06 -1.53 23.27
N LEU A 141 15.26 -1.00 24.18
CA LEU A 141 14.05 -0.25 23.88
C LEU A 141 14.28 1.23 24.16
N PHE A 142 13.80 2.07 23.26
CA PHE A 142 13.83 3.51 23.47
C PHE A 142 12.38 3.92 23.46
N ARG A 143 11.83 4.13 24.65
CA ARG A 143 10.39 4.23 24.83
C ARG A 143 9.91 5.69 24.79
N ASP A 144 8.84 5.92 24.04
CA ASP A 144 8.15 7.22 23.99
C ASP A 144 9.11 8.35 23.66
N VAL A 145 9.76 8.24 22.51
CA VAL A 145 10.73 9.23 22.06
C VAL A 145 10.00 10.44 21.48
N SER A 146 10.57 11.62 21.69
CA SER A 146 10.03 12.82 21.07
C SER A 146 10.26 12.79 19.56
N GLU A 147 9.63 13.74 18.86
CA GLU A 147 9.87 13.87 17.43
C GLU A 147 11.32 14.19 17.14
N GLU A 148 11.93 15.06 17.95
CA GLU A 148 13.34 15.38 17.77
C GLU A 148 14.22 14.16 18.02
N GLU A 149 13.92 13.39 19.07
CA GLU A 149 14.70 12.20 19.37
C GLU A 149 14.58 11.15 18.28
N LEU A 150 13.35 10.89 17.81
CA LEU A 150 13.17 9.95 16.72
C LEU A 150 13.97 10.37 15.50
N HIS A 151 13.93 11.67 15.17
CA HIS A 151 14.65 12.17 14.01
C HIS A 151 16.15 11.91 14.13
N LYS A 152 16.73 12.22 15.29
CA LYS A 152 18.17 12.03 15.46
C LYS A 152 18.56 10.56 15.37
N ILE A 153 17.77 9.68 16.00
CA ILE A 153 18.08 8.25 15.96
C ILE A 153 18.03 7.73 14.52
N LEU A 154 16.97 8.08 13.79
CA LEU A 154 16.83 7.59 12.42
C LEU A 154 17.95 8.14 11.53
N LEU A 155 18.32 9.41 11.71
CA LEU A 155 19.46 9.96 10.98
C LEU A 155 20.72 9.16 11.25
N LYS A 156 21.01 8.88 12.52
CA LYS A 156 22.26 8.22 12.86
C LYS A 156 22.29 6.79 12.35
N GLU A 157 21.16 6.09 12.40
CA GLU A 157 21.16 4.66 12.12
C GLU A 157 20.80 4.31 10.69
N LEU A 158 20.06 5.17 9.97
CA LEU A 158 19.60 4.84 8.62
C LEU A 158 20.29 5.60 7.51
N VAL A 159 20.97 6.70 7.81
CA VAL A 159 21.76 7.42 6.82
C VAL A 159 23.22 7.04 7.02
N THR A 160 23.80 6.42 5.99
CA THR A 160 25.17 5.95 6.05
C THR A 160 26.11 6.70 5.10
N VAL A 161 25.60 7.70 4.37
CA VAL A 161 26.37 8.43 3.38
C VAL A 161 26.38 9.91 3.76
N THR A 162 27.55 10.53 3.67
CA THR A 162 27.70 11.94 3.96
C THR A 162 27.45 12.75 2.68
N ALA A 163 27.70 14.06 2.75
CA ALA A 163 27.52 14.92 1.58
C ALA A 163 28.57 14.58 0.53
N LYS A 164 28.13 14.06 -0.61
CA LYS A 164 29.03 13.71 -1.70
C LYS A 164 28.27 13.83 -3.02
N LYS A 165 28.96 13.55 -4.11
CA LYS A 165 28.38 13.75 -5.45
C LYS A 165 27.23 12.78 -5.68
N PRO A 166 26.05 13.27 -6.08
CA PRO A 166 24.94 12.35 -6.38
C PRO A 166 25.26 11.51 -7.61
N SER A 167 24.81 10.25 -7.57
CA SER A 167 25.03 9.32 -8.66
C SER A 167 24.15 8.10 -8.45
N ILE A 168 23.60 7.58 -9.55
CA ILE A 168 22.80 6.37 -9.46
C ILE A 168 23.63 5.13 -9.19
N PHE A 169 24.95 5.20 -9.36
CA PHE A 169 25.83 4.05 -9.22
C PHE A 169 26.45 3.93 -7.83
N SER A 170 25.89 4.60 -6.83
CA SER A 170 26.58 4.72 -5.55
C SER A 170 26.61 3.40 -4.78
N LYS A 171 25.46 2.78 -4.57
CA LYS A 171 25.35 1.56 -3.75
C LYS A 171 26.04 1.70 -2.39
N SER B 8 4.35 -6.39 -18.92
CA SER B 8 3.20 -7.11 -19.47
C SER B 8 2.77 -8.24 -18.55
N ARG B 9 1.62 -8.84 -18.85
CA ARG B 9 1.05 -9.89 -18.02
C ARG B 9 1.03 -11.22 -18.77
N ILE B 10 1.42 -12.29 -18.07
CA ILE B 10 1.41 -13.65 -18.63
C ILE B 10 0.11 -14.32 -18.21
N GLU B 11 -0.09 -15.56 -18.67
CA GLU B 11 -1.34 -16.28 -18.40
C GLU B 11 -1.65 -16.36 -16.92
N ARG B 12 -0.68 -16.84 -16.12
CA ARG B 12 -0.90 -16.94 -14.68
C ARG B 12 -1.19 -15.58 -14.08
N GLU B 13 -0.48 -14.55 -14.56
CA GLU B 13 -0.63 -13.20 -14.03
C GLU B 13 -2.01 -12.65 -14.31
N GLN B 14 -2.57 -12.96 -15.49
CA GLN B 14 -3.90 -12.49 -15.82
C GLN B 14 -4.95 -13.11 -14.91
N HIS B 15 -4.87 -14.43 -14.68
CA HIS B 15 -5.81 -15.06 -13.78
C HIS B 15 -5.67 -14.52 -12.36
N HIS B 16 -4.43 -14.27 -11.92
CA HIS B 16 -4.22 -13.71 -10.59
C HIS B 16 -4.78 -12.30 -10.48
N LEU B 17 -4.58 -11.48 -11.52
CA LEU B 17 -5.13 -10.14 -11.50
C LEU B 17 -6.64 -10.18 -11.36
N ILE B 18 -7.29 -11.06 -12.14
CA ILE B 18 -8.75 -11.14 -12.11
C ILE B 18 -9.23 -11.53 -10.73
N GLU B 19 -8.60 -12.53 -10.13
CA GLU B 19 -9.00 -12.98 -8.80
C GLU B 19 -8.81 -11.86 -7.79
N SER B 20 -7.73 -11.10 -7.92
CA SER B 20 -7.46 -10.03 -6.97
C SER B 20 -8.52 -8.94 -7.05
N ILE B 21 -8.93 -8.60 -8.28
CA ILE B 21 -10.00 -7.63 -8.47
C ILE B 21 -11.31 -8.16 -7.91
N GLU B 22 -11.62 -9.44 -8.20
CA GLU B 22 -12.88 -10.01 -7.74
C GLU B 22 -12.97 -10.04 -6.22
N LYS B 23 -11.94 -10.56 -5.56
CA LYS B 23 -11.98 -10.66 -4.11
C LYS B 23 -12.03 -9.29 -3.45
N SER B 24 -11.24 -8.34 -3.95
CA SER B 24 -11.21 -7.02 -3.32
C SER B 24 -12.52 -6.28 -3.52
N THR B 25 -13.09 -6.32 -4.73
CA THR B 25 -14.34 -5.59 -4.95
C THR B 25 -15.51 -6.23 -4.21
N GLN B 26 -15.49 -7.56 -4.02
CA GLN B 26 -16.56 -8.18 -3.23
C GLN B 26 -16.49 -7.75 -1.78
N TYR B 27 -15.28 -7.67 -1.22
CA TYR B 27 -15.11 -7.16 0.13
C TYR B 27 -15.63 -5.74 0.24
N MET B 28 -15.26 -4.89 -0.71
CA MET B 28 -15.66 -3.48 -0.64
C MET B 28 -17.14 -3.31 -0.94
N ALA B 29 -17.70 -4.14 -1.81
CA ALA B 29 -19.13 -4.03 -2.13
C ALA B 29 -19.99 -4.32 -0.90
N LYS B 30 -19.63 -5.35 -0.14
CA LYS B 30 -20.40 -5.70 1.05
C LYS B 30 -20.45 -4.56 2.05
N ARG B 31 -19.38 -3.77 2.13
CA ARG B 31 -19.26 -2.71 3.11
C ARG B 31 -19.56 -1.33 2.52
N ARG B 32 -20.01 -1.27 1.27
CA ARG B 32 -20.32 0.00 0.62
C ARG B 32 -19.11 0.93 0.60
N ILE B 33 -17.94 0.36 0.32
CA ILE B 33 -16.71 1.13 0.19
C ILE B 33 -16.51 1.46 -1.29
N GLY B 34 -16.42 2.75 -1.60
CA GLY B 34 -16.22 3.15 -2.98
C GLY B 34 -14.81 2.81 -3.46
N ALA B 35 -14.72 2.40 -4.72
CA ALA B 35 -13.43 2.02 -5.29
C ALA B 35 -13.43 2.26 -6.80
N LEU B 36 -12.23 2.40 -7.34
CA LEU B 36 -12.03 2.76 -8.74
C LEU B 36 -10.70 2.17 -9.18
N ILE B 37 -10.74 1.12 -10.01
CA ILE B 37 -9.56 0.38 -10.43
C ILE B 37 -9.53 0.34 -11.94
N SER B 38 -8.51 0.96 -12.54
CA SER B 38 -8.37 1.04 -14.00
C SER B 38 -7.20 0.17 -14.41
N VAL B 39 -7.46 -0.80 -15.29
CA VAL B 39 -6.44 -1.75 -15.75
C VAL B 39 -6.03 -1.38 -17.17
N ALA B 40 -4.76 -1.02 -17.34
CA ALA B 40 -4.23 -0.69 -18.65
C ALA B 40 -4.16 -1.92 -19.55
N ARG B 41 -4.39 -1.69 -20.85
CA ARG B 41 -4.23 -2.75 -21.84
C ARG B 41 -3.25 -2.25 -22.88
N ASP B 42 -3.63 -2.18 -24.16
CA ASP B 42 -2.65 -1.95 -25.21
C ASP B 42 -2.30 -0.47 -25.35
N THR B 43 -3.30 0.42 -25.32
CA THR B 43 -3.06 1.82 -25.70
C THR B 43 -2.21 2.58 -24.69
N GLY B 44 -1.96 2.03 -23.51
CA GLY B 44 -1.29 2.78 -22.47
C GLY B 44 -2.23 3.77 -21.81
N MET B 45 -1.74 4.40 -20.75
CA MET B 45 -2.59 5.27 -19.96
C MET B 45 -1.93 6.56 -19.48
N ASP B 46 -0.63 6.73 -19.64
CA ASP B 46 0.05 7.89 -19.06
C ASP B 46 -0.40 9.20 -19.70
N ASP B 47 -0.75 9.18 -20.99
CA ASP B 47 -1.11 10.41 -21.70
C ASP B 47 -2.41 11.01 -21.21
N TYR B 48 -3.24 10.27 -20.47
CA TYR B 48 -4.57 10.74 -20.13
C TYR B 48 -4.87 10.72 -18.63
N ILE B 49 -3.88 10.41 -17.79
CA ILE B 49 -4.08 10.40 -16.35
C ILE B 49 -3.08 11.32 -15.69
N GLU B 50 -3.41 11.73 -14.47
CA GLU B 50 -2.49 12.44 -13.59
C GLU B 50 -2.20 11.51 -12.42
N THR B 51 -0.93 11.09 -12.31
CA THR B 51 -0.55 10.10 -11.31
C THR B 51 -0.66 10.69 -9.90
N GLY B 52 -1.27 9.92 -9.00
CA GLY B 52 -1.35 10.32 -7.62
C GLY B 52 -0.11 9.89 -6.86
N ILE B 53 -0.22 8.81 -6.11
CA ILE B 53 0.85 8.31 -5.25
C ILE B 53 1.45 7.08 -5.93
N PRO B 54 2.72 7.12 -6.34
CA PRO B 54 3.33 5.93 -6.94
C PRO B 54 3.48 4.81 -5.91
N LEU B 55 3.11 3.60 -6.32
CA LEU B 55 3.27 2.42 -5.48
C LEU B 55 4.15 1.35 -6.09
N ASN B 56 4.03 1.11 -7.40
CA ASN B 56 4.78 0.06 -8.11
C ASN B 56 4.78 -1.24 -7.34
N ALA B 57 3.60 -1.65 -6.88
CA ALA B 57 3.48 -2.73 -5.91
C ALA B 57 2.98 -4.02 -6.54
N LYS B 58 3.25 -5.12 -5.85
CA LYS B 58 2.69 -6.40 -6.24
C LYS B 58 1.17 -6.37 -6.13
N ILE B 59 0.49 -6.99 -7.09
CA ILE B 59 -0.96 -7.05 -7.09
C ILE B 59 -1.43 -8.06 -6.06
N SER B 60 -2.32 -7.63 -5.17
CA SER B 60 -2.98 -8.52 -4.23
C SER B 60 -4.34 -7.95 -3.87
N SER B 61 -5.28 -8.84 -3.53
CA SER B 61 -6.58 -8.36 -3.04
C SER B 61 -6.41 -7.60 -1.73
N GLN B 62 -5.46 -8.02 -0.89
CA GLN B 62 -5.25 -7.37 0.40
C GLN B 62 -4.81 -5.92 0.22
N LEU B 63 -3.87 -5.66 -0.68
CA LEU B 63 -3.44 -4.28 -0.89
C LEU B 63 -4.55 -3.44 -1.55
N LEU B 64 -5.30 -4.02 -2.48
CA LEU B 64 -6.40 -3.27 -3.08
C LEU B 64 -7.42 -2.87 -2.02
N ILE B 65 -7.74 -3.77 -1.10
CA ILE B 65 -8.69 -3.45 -0.03
C ILE B 65 -8.13 -2.33 0.84
N ASN B 66 -6.86 -2.45 1.26
CA ASN B 66 -6.29 -1.45 2.16
C ASN B 66 -6.20 -0.07 1.53
N ILE B 67 -6.05 0.00 0.20
CA ILE B 67 -5.93 1.31 -0.46
C ILE B 67 -7.21 2.13 -0.32
N PHE B 68 -8.36 1.47 -0.39
CA PHE B 68 -9.62 2.20 -0.54
C PHE B 68 -10.36 2.46 0.77
N ILE B 69 -9.78 2.11 1.91
CA ILE B 69 -10.48 2.39 3.17
C ILE B 69 -10.81 3.87 3.25
N PRO B 70 -12.04 4.25 3.57
CA PRO B 70 -12.41 5.68 3.56
C PRO B 70 -11.57 6.50 4.53
N ASN B 71 -11.36 7.75 4.17
CA ASN B 71 -10.69 8.74 5.03
C ASN B 71 -9.22 8.40 5.25
N THR B 72 -8.59 7.72 4.30
CA THR B 72 -7.19 7.38 4.34
C THR B 72 -6.43 8.09 3.23
N PRO B 73 -5.10 8.20 3.34
CA PRO B 73 -4.33 8.93 2.33
C PRO B 73 -4.45 8.40 0.91
N LEU B 74 -4.65 7.11 0.71
CA LEU B 74 -4.62 6.54 -0.63
C LEU B 74 -5.99 6.38 -1.27
N HIS B 75 -7.08 6.66 -0.56
CA HIS B 75 -8.39 6.23 -1.04
C HIS B 75 -8.97 7.14 -2.11
N ASP B 76 -8.59 8.42 -2.13
CA ASP B 76 -9.34 9.41 -2.91
C ASP B 76 -8.80 9.50 -4.33
N GLY B 77 -9.22 8.55 -5.15
CA GLY B 77 -8.86 8.55 -6.55
C GLY B 77 -8.84 7.14 -7.09
N ALA B 78 -8.18 6.98 -8.23
CA ALA B 78 -8.12 5.72 -8.95
C ALA B 78 -6.84 4.96 -8.62
N VAL B 79 -6.95 3.64 -8.54
CA VAL B 79 -5.82 2.75 -8.64
C VAL B 79 -5.57 2.45 -10.11
N ILE B 80 -4.31 2.53 -10.53
CA ILE B 80 -3.90 2.22 -11.90
C ILE B 80 -3.06 0.96 -11.87
N ILE B 81 -3.46 -0.04 -12.66
CA ILE B 81 -2.72 -1.29 -12.79
C ILE B 81 -2.10 -1.32 -14.19
N LYS B 82 -0.77 -1.46 -14.23
CA LYS B 82 -0.01 -1.52 -15.48
C LYS B 82 0.86 -2.76 -15.44
N GLY B 83 0.71 -3.61 -16.45
CA GLY B 83 1.39 -4.89 -16.41
C GLY B 83 0.97 -5.64 -15.17
N ASN B 84 1.96 -6.15 -14.43
N ASN B 84 1.95 -6.15 -14.43
CA ASN B 84 1.70 -6.94 -13.23
CA ASN B 84 1.69 -6.94 -13.23
C ASN B 84 1.94 -6.14 -11.95
C ASN B 84 1.94 -6.14 -11.95
N GLU B 85 1.72 -4.83 -11.99
CA GLU B 85 1.93 -3.99 -10.81
C GLU B 85 0.74 -3.06 -10.59
N ILE B 86 0.46 -2.79 -9.32
CA ILE B 86 -0.35 -1.64 -8.92
C ILE B 86 0.58 -0.44 -9.04
N ALA B 87 0.40 0.34 -10.10
CA ALA B 87 1.32 1.43 -10.42
C ALA B 87 1.14 2.60 -9.46
N SER B 88 -0.10 2.97 -9.18
CA SER B 88 -0.37 4.16 -8.40
C SER B 88 -1.74 4.05 -7.75
N ALA B 89 -1.94 4.85 -6.72
CA ALA B 89 -3.24 5.05 -6.09
C ALA B 89 -3.50 6.55 -6.01
N ALA B 90 -4.77 6.89 -5.73
CA ALA B 90 -5.20 8.29 -5.66
C ALA B 90 -4.92 9.06 -6.95
N SER B 91 -5.00 8.38 -8.09
CA SER B 91 -4.74 9.01 -9.37
C SER B 91 -6.01 9.62 -9.95
N TYR B 92 -5.83 10.64 -10.80
CA TYR B 92 -6.95 11.33 -11.43
C TYR B 92 -7.16 10.81 -12.85
N LEU B 93 -8.35 10.39 -13.14
CA LEU B 93 -8.81 10.00 -14.46
C LEU B 93 -9.60 11.13 -15.11
N PRO B 94 -9.66 11.18 -16.45
CA PRO B 94 -10.50 12.20 -17.10
C PRO B 94 -11.96 11.98 -16.74
N LEU B 95 -12.71 13.07 -16.65
CA LEU B 95 -14.13 12.99 -16.37
C LEU B 95 -14.92 13.05 -17.68
N SER B 96 -15.79 12.08 -17.89
CA SER B 96 -16.65 12.10 -19.07
C SER B 96 -17.72 13.18 -18.94
N ASP B 97 -18.04 13.82 -20.06
CA ASP B 97 -19.14 14.76 -20.07
C ASP B 97 -20.45 14.11 -20.52
N SER B 98 -20.53 12.79 -20.51
CA SER B 98 -21.68 12.10 -21.08
C SER B 98 -22.96 12.48 -20.34
N PRO B 99 -24.01 12.88 -21.05
CA PRO B 99 -25.29 13.14 -20.39
C PRO B 99 -26.13 11.89 -20.16
N PHE B 100 -25.65 10.72 -20.60
CA PHE B 100 -26.40 9.49 -20.46
C PHE B 100 -26.01 8.70 -19.22
N LEU B 101 -24.88 9.02 -18.61
CA LEU B 101 -24.52 8.41 -17.33
C LEU B 101 -25.52 8.85 -16.28
N SER B 102 -26.11 7.88 -15.58
CA SER B 102 -27.19 8.18 -14.64
C SER B 102 -26.74 9.21 -13.61
N LYS B 103 -27.63 10.16 -13.31
CA LYS B 103 -27.29 11.24 -12.38
C LYS B 103 -27.02 10.71 -10.97
N GLU B 104 -27.61 9.57 -10.62
CA GLU B 104 -27.38 8.99 -9.30
C GLU B 104 -25.98 8.38 -9.16
N LEU B 105 -25.24 8.27 -10.25
CA LEU B 105 -23.87 7.79 -10.16
C LEU B 105 -22.95 8.94 -9.73
N GLY B 106 -21.79 8.57 -9.19
CA GLY B 106 -20.88 9.53 -8.60
C GLY B 106 -19.69 9.84 -9.48
N THR B 107 -18.77 10.61 -8.90
CA THR B 107 -17.59 11.06 -9.63
C THR B 107 -16.74 9.89 -10.11
N ARG B 108 -16.59 8.85 -9.29
CA ARG B 108 -15.75 7.73 -9.69
C ARG B 108 -16.29 7.06 -10.94
N HIS B 109 -17.62 6.98 -11.08
CA HIS B 109 -18.21 6.40 -12.29
C HIS B 109 -17.92 7.28 -13.51
N ARG B 110 -18.01 8.60 -13.33
CA ARG B 110 -17.73 9.51 -14.43
C ARG B 110 -16.25 9.46 -14.80
N ALA B 111 -15.37 9.22 -13.83
CA ALA B 111 -13.95 9.04 -14.10
C ALA B 111 -13.68 7.72 -14.81
N ALA B 112 -14.33 6.64 -14.37
CA ALA B 112 -14.21 5.37 -15.08
C ALA B 112 -14.65 5.51 -16.54
N LEU B 113 -15.76 6.22 -16.76
CA LEU B 113 -16.23 6.40 -18.13
C LEU B 113 -15.26 7.25 -18.93
N GLY B 114 -14.73 8.31 -18.31
CA GLY B 114 -13.83 9.20 -19.02
C GLY B 114 -12.57 8.50 -19.51
N ILE B 115 -11.94 7.70 -18.63
CA ILE B 115 -10.73 7.01 -19.09
C ILE B 115 -11.08 6.00 -20.18
N SER B 116 -12.27 5.39 -20.10
CA SER B 116 -12.68 4.41 -21.11
C SER B 116 -12.92 5.05 -22.47
N GLU B 117 -13.16 6.37 -22.52
CA GLU B 117 -13.39 7.07 -23.77
C GLU B 117 -12.10 7.35 -24.53
N VAL B 118 -10.96 7.33 -23.86
CA VAL B 118 -9.70 7.75 -24.48
C VAL B 118 -8.63 6.68 -24.42
N THR B 119 -8.92 5.50 -23.86
CA THR B 119 -8.01 4.36 -23.80
C THR B 119 -8.82 3.08 -23.97
N ASP B 120 -8.11 1.98 -24.20
CA ASP B 120 -8.73 0.65 -24.22
C ASP B 120 -8.66 -0.03 -22.86
N SER B 121 -8.57 0.75 -21.78
N SER B 121 -8.55 0.75 -21.78
CA SER B 121 -8.49 0.21 -20.45
CA SER B 121 -8.45 0.15 -20.46
C SER B 121 -9.82 -0.45 -20.06
C SER B 121 -9.80 -0.41 -20.02
N ILE B 122 -9.75 -1.33 -19.07
CA ILE B 122 -10.93 -1.89 -18.42
C ILE B 122 -10.94 -1.35 -17.00
N THR B 123 -12.04 -0.72 -16.61
CA THR B 123 -12.09 -0.06 -15.31
C THR B 123 -13.27 -0.60 -14.51
N ILE B 124 -13.03 -0.88 -13.23
CA ILE B 124 -14.00 -1.43 -12.30
C ILE B 124 -14.32 -0.39 -11.24
N VAL B 125 -15.60 -0.25 -10.91
CA VAL B 125 -16.08 0.72 -9.93
C VAL B 125 -16.96 0.02 -8.91
N VAL B 126 -16.76 0.35 -7.64
CA VAL B 126 -17.68 -0.04 -6.57
C VAL B 126 -18.35 1.23 -6.07
N SER B 127 -19.68 1.21 -6.02
CA SER B 127 -20.44 2.37 -5.55
C SER B 127 -20.44 2.42 -4.03
N GLU B 128 -20.15 3.59 -3.46
CA GLU B 128 -20.27 3.75 -2.03
C GLU B 128 -21.71 3.96 -1.57
N GLU B 129 -22.64 4.17 -2.51
CA GLU B 129 -24.04 4.34 -2.15
C GLU B 129 -24.77 3.01 -2.07
N THR B 130 -24.53 2.12 -3.04
CA THR B 130 -25.25 0.87 -3.16
C THR B 130 -24.38 -0.37 -3.03
N GLY B 131 -23.05 -0.24 -3.15
CA GLY B 131 -22.21 -1.41 -3.24
C GLY B 131 -22.24 -2.10 -4.59
N GLY B 132 -23.00 -1.59 -5.55
CA GLY B 132 -23.02 -2.19 -6.86
C GLY B 132 -21.70 -2.01 -7.58
N ILE B 133 -21.34 -3.01 -8.37
CA ILE B 133 -20.09 -3.01 -9.13
C ILE B 133 -20.40 -2.70 -10.58
N SER B 134 -19.63 -1.79 -11.17
CA SER B 134 -19.82 -1.40 -12.56
C SER B 134 -18.50 -1.53 -13.30
N LEU B 135 -18.59 -1.60 -14.63
CA LEU B 135 -17.45 -1.70 -15.50
C LEU B 135 -17.57 -0.66 -16.62
N THR B 136 -16.43 -0.14 -17.06
CA THR B 136 -16.41 0.72 -18.24
C THR B 136 -15.39 0.19 -19.24
N LYS B 137 -15.75 0.29 -20.51
CA LYS B 137 -14.91 -0.11 -21.63
C LYS B 137 -15.40 0.62 -22.86
N GLY B 138 -14.48 1.19 -23.63
CA GLY B 138 -14.83 1.75 -24.94
C GLY B 138 -15.88 2.83 -24.90
N GLY B 139 -15.89 3.66 -23.85
CA GLY B 139 -16.82 4.74 -23.72
C GLY B 139 -18.21 4.35 -23.26
N GLU B 140 -18.39 3.14 -22.73
CA GLU B 140 -19.68 2.68 -22.27
C GLU B 140 -19.53 2.10 -20.87
N LEU B 141 -20.66 2.00 -20.17
CA LEU B 141 -20.68 1.50 -18.80
C LEU B 141 -21.67 0.34 -18.70
N PHE B 142 -21.27 -0.70 -17.99
CA PHE B 142 -22.15 -1.82 -17.64
C PHE B 142 -22.37 -1.73 -16.14
N ARG B 143 -23.60 -1.41 -15.74
CA ARG B 143 -23.90 -1.04 -14.37
C ARG B 143 -24.43 -2.22 -13.54
N ASP B 144 -23.92 -2.32 -12.30
CA ASP B 144 -24.45 -3.23 -11.29
C ASP B 144 -24.38 -4.69 -11.76
N VAL B 145 -23.16 -5.13 -12.02
CA VAL B 145 -22.93 -6.48 -12.53
C VAL B 145 -23.00 -7.49 -11.40
N SER B 146 -23.43 -8.70 -11.73
CA SER B 146 -23.38 -9.80 -10.79
C SER B 146 -21.96 -10.38 -10.74
N GLU B 147 -21.71 -11.23 -9.76
CA GLU B 147 -20.40 -11.85 -9.64
C GLU B 147 -20.07 -12.65 -10.89
N GLU B 148 -21.05 -13.39 -11.42
CA GLU B 148 -20.83 -14.16 -12.64
C GLU B 148 -20.56 -13.24 -13.83
N GLU B 149 -21.31 -12.15 -13.96
CA GLU B 149 -21.07 -11.21 -15.05
C GLU B 149 -19.69 -10.58 -14.93
N LEU B 150 -19.30 -10.19 -13.72
CA LEU B 150 -17.98 -9.60 -13.52
C LEU B 150 -16.88 -10.56 -13.95
N HIS B 151 -16.96 -11.81 -13.48
CA HIS B 151 -15.94 -12.80 -13.84
C HIS B 151 -15.87 -13.00 -15.34
N LYS B 152 -17.02 -13.16 -15.99
CA LYS B 152 -17.02 -13.44 -17.42
C LYS B 152 -16.38 -12.31 -18.22
N ILE B 153 -16.67 -11.07 -17.85
CA ILE B 153 -16.16 -9.94 -18.61
C ILE B 153 -14.68 -9.75 -18.35
N LEU B 154 -14.25 -9.86 -17.08
CA LEU B 154 -12.82 -9.77 -16.78
C LEU B 154 -12.05 -10.88 -17.49
N LEU B 155 -12.60 -12.09 -17.51
CA LEU B 155 -11.96 -13.18 -18.23
C LEU B 155 -11.88 -12.87 -19.72
N LYS B 156 -12.98 -12.40 -20.31
CA LYS B 156 -12.97 -12.08 -21.73
C LYS B 156 -11.97 -10.99 -22.05
N GLU B 157 -11.91 -9.95 -21.22
CA GLU B 157 -11.15 -8.76 -21.61
C GLU B 157 -9.71 -8.78 -21.12
N LEU B 158 -9.38 -9.56 -20.08
CA LEU B 158 -8.06 -9.50 -19.48
C LEU B 158 -7.22 -10.76 -19.66
N VAL B 159 -7.80 -11.87 -20.12
CA VAL B 159 -7.06 -13.09 -20.38
C VAL B 159 -6.92 -13.24 -21.89
N THR B 160 -5.69 -13.17 -22.38
CA THR B 160 -5.45 -13.00 -23.82
C THR B 160 -6.00 -14.17 -24.63
N VAL B 161 -5.76 -15.40 -24.17
CA VAL B 161 -6.26 -16.56 -24.89
C VAL B 161 -7.79 -16.62 -24.87
N THR B 162 -8.41 -16.05 -23.84
CA THR B 162 -9.86 -16.04 -23.73
C THR B 162 -10.42 -14.67 -24.07
#